data_5CXO
#
_entry.id   5CXO
#
_cell.length_a   53.047
_cell.length_b   101.935
_cell.length_c   120.856
_cell.angle_alpha   90.00
_cell.angle_beta   90.00
_cell.angle_gamma   90.00
#
_symmetry.space_group_name_H-M   'I 21 21 21'
#
loop_
_entity.id
_entity.type
_entity.pdbx_description
1 polymer 'Epoxide hydrolase'
2 non-polymer 'HEXAETHYLENE GLYCOL'
3 water water
#
_entity_poly.entity_id   1
_entity_poly.type   'polypeptide(L)'
_entity_poly.pdbx_seq_one_letter_code
;MQDEQKRKEIVAEYFRKVNEGDVDAIVEMFTENATIEDPVGKDVREGRAAQREYFNSNVTAEVTIEPGHLSAGQDGKSVA
VALAAEMTNILDPNRTRVKINAVDVFTLTPEGKIDSMRVFWGMTDIGVWNSSSVDKLAAALEHHHHHH
;
_entity_poly.pdbx_strand_id   A,B
#
loop_
_chem_comp.id
_chem_comp.type
_chem_comp.name
_chem_comp.formula
P6G non-polymer 'HEXAETHYLENE GLYCOL' 'C12 H26 O7'
#
# COMPACT_ATOMS: atom_id res chain seq x y z
N MET A 1 -1.00 -9.26 15.45
CA MET A 1 -2.27 -9.80 16.00
C MET A 1 -3.14 -10.27 14.87
N GLN A 2 -4.11 -11.12 15.19
CA GLN A 2 -5.03 -11.54 14.13
C GLN A 2 -6.31 -10.75 14.06
N ASP A 3 -6.66 -10.11 15.17
CA ASP A 3 -7.69 -9.12 15.19
C ASP A 3 -7.18 -7.88 14.39
N GLU A 4 -7.84 -7.52 13.30
CA GLU A 4 -7.50 -6.29 12.55
C GLU A 4 -7.21 -5.06 13.39
N GLN A 5 -8.12 -4.72 14.30
CA GLN A 5 -8.03 -3.50 15.06
C GLN A 5 -6.75 -3.50 15.80
N LYS A 6 -6.40 -4.62 16.42
CA LYS A 6 -5.29 -4.60 17.35
C LYS A 6 -3.98 -4.52 16.53
N ARG A 7 -3.95 -5.28 15.46
CA ARG A 7 -2.95 -5.28 14.40
C ARG A 7 -2.64 -3.85 13.93
N LYS A 8 -3.67 -3.10 13.54
CA LYS A 8 -3.49 -1.65 13.23
C LYS A 8 -2.93 -0.85 14.35
N GLU A 9 -3.42 -1.08 15.56
CA GLU A 9 -2.92 -0.33 16.68
C GLU A 9 -1.43 -0.49 16.88
N ILE A 10 -0.90 -1.68 16.63
CA ILE A 10 0.55 -1.93 16.74
C ILE A 10 1.30 -1.13 15.63
N VAL A 11 0.76 -1.10 14.45
CA VAL A 11 1.43 -0.28 13.40
C VAL A 11 1.38 1.19 13.75
N ALA A 12 0.23 1.68 14.21
CA ALA A 12 0.14 3.10 14.68
C ALA A 12 1.19 3.43 15.71
N GLU A 13 1.36 2.49 16.64
CA GLU A 13 2.35 2.66 17.65
C GLU A 13 3.78 2.66 17.08
N TYR A 14 4.05 1.79 16.13
CA TYR A 14 5.33 1.89 15.41
C TYR A 14 5.60 3.27 14.85
N PHE A 15 4.64 3.88 14.16
CA PHE A 15 4.89 5.24 13.65
C PHE A 15 5.07 6.22 14.76
N ARG A 16 4.30 6.09 15.87
CA ARG A 16 4.54 6.97 17.04
C ARG A 16 5.97 6.83 17.53
N LYS A 17 6.44 5.62 17.62
CA LYS A 17 7.78 5.48 18.11
C LYS A 17 8.84 5.95 17.12
N VAL A 18 8.59 5.81 15.81
CA VAL A 18 9.56 6.38 14.86
C VAL A 18 9.68 7.88 15.15
N ASN A 19 8.53 8.53 15.27
CA ASN A 19 8.44 9.95 15.51
C ASN A 19 9.18 10.37 16.83
N GLU A 20 9.07 9.53 17.88
CA GLU A 20 9.71 9.73 19.20
C GLU A 20 11.22 9.60 19.08
N GLY A 21 11.71 8.76 18.16
CA GLY A 21 13.10 8.64 17.85
C GLY A 21 13.83 7.72 18.79
N ASP A 22 13.07 6.84 19.43
CA ASP A 22 13.63 5.97 20.47
C ASP A 22 13.95 4.60 19.86
N VAL A 23 15.18 4.41 19.42
CA VAL A 23 15.60 3.23 18.66
C VAL A 23 15.31 1.87 19.32
N ASP A 24 15.52 1.82 20.63
CA ASP A 24 15.43 0.56 21.35
C ASP A 24 13.98 0.09 21.38
N ALA A 25 13.08 1.04 21.57
CA ALA A 25 11.63 0.80 21.64
C ALA A 25 11.11 0.41 20.23
N ILE A 26 11.66 1.05 19.20
CA ILE A 26 11.27 0.67 17.83
C ILE A 26 11.73 -0.71 17.51
N VAL A 27 12.99 -1.02 17.85
CA VAL A 27 13.52 -2.29 17.47
C VAL A 27 12.79 -3.46 18.15
N GLU A 28 12.45 -3.26 19.41
CA GLU A 28 11.72 -4.26 20.21
C GLU A 28 10.31 -4.54 19.64
N MET A 29 9.77 -3.65 18.77
CA MET A 29 8.50 -3.99 18.07
C MET A 29 8.63 -5.04 17.03
N PHE A 30 9.86 -5.33 16.62
CA PHE A 30 10.09 -6.29 15.53
C PHE A 30 10.52 -7.62 16.12
N THR A 31 10.26 -8.70 15.40
CA THR A 31 10.87 -9.97 15.78
C THR A 31 12.34 -9.97 15.55
N GLU A 32 13.02 -10.87 16.24
CA GLU A 32 14.46 -10.86 16.12
C GLU A 32 14.99 -11.13 14.72
N ASN A 33 14.25 -11.89 13.91
CA ASN A 33 14.64 -12.13 12.55
C ASN A 33 13.79 -11.38 11.42
N ALA A 34 13.01 -10.43 11.85
CA ALA A 34 12.19 -9.56 10.92
C ALA A 34 13.01 -8.98 9.80
N THR A 35 12.40 -8.85 8.61
CA THR A 35 13.12 -8.43 7.43
C THR A 35 12.54 -7.04 7.11
N ILE A 36 13.40 -6.17 6.63
CA ILE A 36 12.94 -4.83 6.21
C ILE A 36 13.47 -4.62 4.78
N GLU A 37 12.57 -4.29 3.83
CA GLU A 37 12.93 -4.15 2.42
C GLU A 37 12.63 -2.67 2.10
N ASP A 38 13.65 -1.83 2.12
CA ASP A 38 13.41 -0.36 1.98
C ASP A 38 14.61 0.26 1.20
N PRO A 39 14.44 0.65 -0.12
CA PRO A 39 13.15 0.56 -0.85
C PRO A 39 12.98 -0.87 -1.34
N VAL A 40 11.75 -1.18 -1.65
CA VAL A 40 11.44 -2.39 -2.41
C VAL A 40 12.29 -2.47 -3.67
N GLY A 41 12.82 -3.70 -3.90
CA GLY A 41 13.82 -3.97 -4.96
C GLY A 41 15.32 -3.76 -4.66
N LYS A 42 15.66 -3.24 -3.51
CA LYS A 42 17.07 -3.16 -3.11
C LYS A 42 17.34 -4.24 -2.05
N ASP A 43 18.52 -4.22 -1.42
CA ASP A 43 18.89 -5.28 -0.47
C ASP A 43 17.95 -5.39 0.73
N VAL A 44 17.46 -6.59 0.99
CA VAL A 44 16.69 -6.90 2.21
C VAL A 44 17.54 -6.86 3.44
N ARG A 45 17.09 -6.12 4.45
CA ARG A 45 17.76 -6.05 5.72
C ARG A 45 17.15 -7.17 6.60
N GLU A 46 18.01 -7.92 7.28
CA GLU A 46 17.54 -9.08 8.01
C GLU A 46 18.22 -9.25 9.38
N GLY A 47 17.41 -9.40 10.44
CA GLY A 47 17.88 -9.55 11.84
C GLY A 47 18.21 -8.28 12.56
N ARG A 48 18.65 -8.41 13.82
CA ARG A 48 18.73 -7.28 14.76
C ARG A 48 19.73 -6.19 14.43
N ALA A 49 20.92 -6.59 13.96
CA ALA A 49 21.97 -5.65 13.63
C ALA A 49 21.43 -4.73 12.53
N ALA A 50 20.92 -5.33 11.45
CA ALA A 50 20.42 -4.54 10.29
C ALA A 50 19.25 -3.60 10.68
N GLN A 51 18.36 -4.04 11.56
CA GLN A 51 17.22 -3.24 12.04
C GLN A 51 17.76 -2.07 12.79
N ARG A 52 18.77 -2.35 13.65
CA ARG A 52 19.33 -1.29 14.41
C ARG A 52 19.97 -0.22 13.55
N GLU A 53 20.67 -0.66 12.52
CA GLU A 53 21.37 0.29 11.69
C GLU A 53 20.31 1.12 10.99
N TYR A 54 19.28 0.42 10.55
CA TYR A 54 18.24 1.09 9.72
C TYR A 54 17.53 2.11 10.63
N PHE A 55 17.13 1.74 11.85
CA PHE A 55 16.47 2.72 12.63
C PHE A 55 17.34 3.88 13.15
N ASN A 56 18.64 3.57 13.36
CA ASN A 56 19.60 4.66 13.75
C ASN A 56 19.69 5.63 12.62
N SER A 57 19.74 5.08 11.41
CA SER A 57 19.82 5.95 10.18
C SER A 57 18.55 6.85 10.09
N ASN A 58 17.37 6.32 10.36
CA ASN A 58 16.10 7.09 10.35
C ASN A 58 16.05 8.14 11.44
N VAL A 59 16.52 7.82 12.68
CA VAL A 59 16.47 8.78 13.74
C VAL A 59 17.51 9.85 13.50
N THR A 60 18.65 9.46 12.98
CA THR A 60 19.66 10.42 12.62
C THR A 60 19.21 11.38 11.54
N ALA A 61 18.43 10.85 10.59
CA ALA A 61 17.83 11.69 9.53
C ALA A 61 16.61 12.47 10.02
N GLU A 62 16.36 12.49 11.34
CA GLU A 62 15.24 13.21 11.90
C GLU A 62 13.89 12.90 11.20
N VAL A 63 13.71 11.65 10.79
CA VAL A 63 12.47 11.29 10.08
CA VAL A 63 12.47 11.26 10.08
C VAL A 63 11.24 11.66 10.88
N THR A 64 10.23 12.21 10.22
CA THR A 64 8.89 12.31 10.87
C THR A 64 7.95 11.60 9.89
N ILE A 65 6.96 10.87 10.41
CA ILE A 65 6.02 10.18 9.46
C ILE A 65 4.63 10.64 9.74
N GLU A 66 3.85 10.99 8.67
CA GLU A 66 2.43 11.23 8.84
C GLU A 66 1.76 10.08 8.07
N PRO A 67 1.24 9.13 8.80
CA PRO A 67 0.58 7.98 8.16
C PRO A 67 -0.81 8.33 7.69
N GLY A 68 -1.18 7.71 6.59
CA GLY A 68 -2.54 7.73 6.04
C GLY A 68 -3.41 6.70 6.72
N HIS A 69 -4.51 6.37 6.10
CA HIS A 69 -5.39 5.30 6.59
C HIS A 69 -4.67 3.94 6.64
N LEU A 70 -4.78 3.30 7.81
CA LEU A 70 -4.18 1.95 7.90
C LEU A 70 -5.21 0.93 7.41
N SER A 71 -4.85 0.26 6.32
CA SER A 71 -5.69 -0.80 5.74
C SER A 71 -5.20 -2.14 6.27
N ALA A 72 -6.16 -2.97 6.69
CA ALA A 72 -5.78 -4.37 7.06
C ALA A 72 -5.89 -5.33 5.90
N GLY A 73 -5.02 -6.34 5.86
CA GLY A 73 -5.30 -7.40 4.88
C GLY A 73 -6.26 -8.39 5.67
N GLN A 74 -6.80 -9.33 4.94
CA GLN A 74 -7.70 -10.41 5.51
C GLN A 74 -6.93 -11.74 5.45
N ASP A 75 -5.71 -11.71 6.03
CA ASP A 75 -4.77 -12.81 6.03
C ASP A 75 -4.25 -13.02 7.40
N GLY A 76 -4.90 -12.37 8.35
CA GLY A 76 -4.53 -12.45 9.74
C GLY A 76 -3.23 -11.79 10.16
N LYS A 77 -2.54 -11.11 9.24
CA LYS A 77 -1.23 -10.53 9.60
C LYS A 77 -0.83 -9.19 8.86
N SER A 78 -1.51 -8.78 7.79
CA SER A 78 -0.97 -7.57 7.06
C SER A 78 -1.61 -6.27 7.37
N VAL A 79 -0.81 -5.21 7.20
CA VAL A 79 -1.38 -3.84 7.31
C VAL A 79 -0.69 -3.11 6.19
N ALA A 80 -1.46 -2.30 5.40
CA ALA A 80 -0.77 -1.57 4.35
C ALA A 80 -1.21 -0.10 4.49
N VAL A 81 -0.28 0.85 4.22
CA VAL A 81 -0.62 2.24 4.59
C VAL A 81 0.29 3.13 3.78
N ALA A 82 -0.35 4.10 3.13
CA ALA A 82 0.45 5.19 2.53
C ALA A 82 0.85 6.23 3.59
N LEU A 83 2.03 6.81 3.45
CA LEU A 83 2.55 7.72 4.40
C LEU A 83 3.30 8.87 3.75
N ALA A 84 3.38 9.97 4.47
CA ALA A 84 4.31 11.02 3.97
C ALA A 84 5.42 11.01 4.96
N ALA A 85 6.68 10.83 4.54
CA ALA A 85 7.84 10.82 5.47
C ALA A 85 8.54 12.12 5.17
N GLU A 86 9.07 12.78 6.19
CA GLU A 86 9.99 13.94 5.96
C GLU A 86 11.30 13.65 6.64
N MET A 87 12.41 14.03 6.00
CA MET A 87 13.66 13.64 6.62
C MET A 87 14.70 14.56 6.10
N THR A 88 15.87 14.47 6.71
CA THR A 88 16.96 15.36 6.27
C THR A 88 18.10 14.51 5.95
N ASN A 89 18.93 14.89 4.97
CA ASN A 89 20.09 14.09 4.59
C ASN A 89 21.24 14.59 5.49
N ILE A 90 21.88 13.70 6.27
CA ILE A 90 22.84 14.20 7.30
C ILE A 90 24.19 14.58 6.66
N LEU A 91 24.39 14.17 5.43
CA LEU A 91 25.51 14.64 4.63
C LEU A 91 25.27 15.98 3.97
N ASP A 92 24.03 16.47 3.92
CA ASP A 92 23.76 17.80 3.32
C ASP A 92 24.06 18.93 4.31
N PRO A 93 25.11 19.77 4.04
CA PRO A 93 25.31 20.84 5.06
C PRO A 93 24.13 21.85 5.18
N ASN A 94 23.34 21.98 4.14
CA ASN A 94 22.09 22.78 4.23
C ASN A 94 20.96 22.10 5.01
N ARG A 95 21.16 20.81 5.35
CA ARG A 95 20.14 20.03 6.18
C ARG A 95 18.73 20.24 5.61
N THR A 96 18.59 20.11 4.31
CA THR A 96 17.33 20.46 3.68
C THR A 96 16.31 19.33 3.92
N ARG A 97 15.10 19.71 4.18
CA ARG A 97 14.08 18.69 4.55
C ARG A 97 13.45 18.19 3.25
N VAL A 98 13.28 16.87 3.15
CA VAL A 98 12.77 16.30 1.92
C VAL A 98 11.51 15.57 2.28
N LYS A 99 10.52 15.52 1.36
CA LYS A 99 9.34 14.67 1.62
C LYS A 99 9.34 13.46 0.75
N ILE A 100 9.04 12.27 1.29
CA ILE A 100 8.91 11.13 0.45
C ILE A 100 7.49 10.55 0.64
N ASN A 101 6.77 10.39 -0.48
CA ASN A 101 5.45 9.77 -0.38
C ASN A 101 5.60 8.30 -0.65
N ALA A 102 5.44 7.46 0.39
CA ALA A 102 5.73 6.04 0.31
C ALA A 102 4.51 5.20 0.67
N VAL A 103 4.59 3.87 0.39
CA VAL A 103 3.55 2.95 0.96
C VAL A 103 4.30 1.86 1.70
N ASP A 104 3.85 1.54 2.92
CA ASP A 104 4.53 0.50 3.82
C ASP A 104 3.58 -0.64 3.88
N VAL A 105 4.11 -1.85 3.70
CA VAL A 105 3.25 -2.99 3.99
C VAL A 105 3.98 -3.79 5.11
N PHE A 106 3.28 -4.07 6.20
CA PHE A 106 3.84 -4.81 7.37
C PHE A 106 3.17 -6.17 7.39
N THR A 107 3.88 -7.22 7.86
CA THR A 107 3.11 -8.33 8.41
C THR A 107 3.48 -8.52 9.90
N LEU A 108 2.54 -9.03 10.71
CA LEU A 108 2.67 -9.06 12.14
C LEU A 108 2.45 -10.54 12.63
N THR A 109 3.02 -10.88 13.81
CA THR A 109 2.82 -12.23 14.36
C THR A 109 1.54 -12.29 15.17
N PRO A 110 1.08 -13.52 15.56
CA PRO A 110 -0.17 -13.43 16.30
C PRO A 110 0.03 -12.82 17.68
N GLU A 111 1.29 -12.67 18.13
CA GLU A 111 1.58 -12.02 19.40
C GLU A 111 1.78 -10.52 19.21
N GLY A 112 1.74 -10.09 17.95
CA GLY A 112 1.71 -8.68 17.60
C GLY A 112 3.07 -8.07 17.31
N LYS A 113 4.10 -8.88 17.07
CA LYS A 113 5.40 -8.37 16.66
C LYS A 113 5.49 -8.26 15.12
N ILE A 114 6.28 -7.29 14.66
CA ILE A 114 6.36 -7.11 13.23
C ILE A 114 7.40 -8.04 12.66
N ASP A 115 7.05 -8.81 11.65
CA ASP A 115 8.03 -9.70 11.08
C ASP A 115 8.46 -9.41 9.68
N SER A 116 7.80 -8.48 8.98
CA SER A 116 8.39 -8.01 7.72
C SER A 116 7.85 -6.60 7.51
N MET A 117 8.67 -5.74 6.92
CA MET A 117 8.17 -4.44 6.45
C MET A 117 8.72 -4.22 5.09
N ARG A 118 7.86 -3.78 4.14
CA ARG A 118 8.32 -3.53 2.79
C ARG A 118 7.96 -2.05 2.53
N VAL A 119 8.88 -1.29 1.98
CA VAL A 119 8.63 0.15 1.80
C VAL A 119 8.71 0.52 0.33
N PHE A 120 7.59 0.95 -0.22
CA PHE A 120 7.59 1.32 -1.64
C PHE A 120 7.79 2.79 -1.77
N TRP A 121 8.94 3.21 -2.32
CA TRP A 121 9.12 4.58 -2.73
C TRP A 121 10.18 4.59 -3.78
N GLY A 122 10.02 5.50 -4.75
CA GLY A 122 11.00 5.56 -5.88
C GLY A 122 11.64 6.88 -5.97
N MET A 123 12.59 7.02 -6.90
CA MET A 123 13.12 8.31 -7.14
C MET A 123 12.09 9.43 -7.41
N THR A 124 10.97 9.08 -8.02
CA THR A 124 9.96 10.08 -8.38
C THR A 124 8.92 10.25 -7.26
N ASP A 125 9.25 9.70 -6.07
CA ASP A 125 8.34 10.00 -4.89
C ASP A 125 8.90 10.98 -3.93
N ILE A 126 9.90 11.73 -4.39
CA ILE A 126 10.62 12.69 -3.50
C ILE A 126 10.40 14.09 -3.89
N GLY A 127 10.10 14.91 -2.90
CA GLY A 127 9.81 16.30 -3.14
C GLY A 127 10.49 17.24 -2.18
N VAL A 128 10.74 18.46 -2.61
CA VAL A 128 11.30 19.48 -1.75
C VAL A 128 10.52 20.79 -1.90
N TRP A 129 10.33 21.45 -0.75
CA TRP A 129 9.31 22.53 -0.51
C TRP A 129 7.81 22.17 -0.81
N MET B 1 6.38 -1.18 -16.90
CA MET B 1 7.57 -0.42 -17.37
C MET B 1 8.61 -0.28 -16.28
N GLN B 2 9.85 -0.28 -16.71
CA GLN B 2 10.97 -0.11 -15.84
C GLN B 2 11.15 1.35 -15.43
N ASP B 3 10.69 2.29 -16.24
CA ASP B 3 10.84 3.67 -15.90
C ASP B 3 9.69 3.97 -14.89
N GLU B 4 10.00 4.54 -13.73
CA GLU B 4 8.95 4.80 -12.70
C GLU B 4 7.80 5.66 -13.27
N GLN B 5 8.09 6.79 -13.91
CA GLN B 5 7.00 7.68 -14.38
C GLN B 5 6.08 6.91 -15.34
N LYS B 6 6.67 6.24 -16.32
CA LYS B 6 5.87 5.38 -17.21
C LYS B 6 5.03 4.29 -16.54
N ARG B 7 5.61 3.61 -15.56
CA ARG B 7 4.94 2.61 -14.80
C ARG B 7 3.72 3.22 -14.06
N LYS B 8 3.92 4.43 -13.49
CA LYS B 8 2.86 5.10 -12.74
C LYS B 8 1.74 5.52 -13.72
N GLU B 9 2.15 6.08 -14.84
CA GLU B 9 1.20 6.59 -15.80
C GLU B 9 0.27 5.44 -16.26
N ILE B 10 0.80 4.24 -16.37
CA ILE B 10 -0.01 3.09 -16.63
C ILE B 10 -1.06 2.74 -15.57
N VAL B 11 -0.70 2.93 -14.30
CA VAL B 11 -1.63 2.54 -13.23
C VAL B 11 -2.70 3.62 -13.19
N ALA B 12 -2.28 4.87 -13.45
CA ALA B 12 -3.19 6.10 -13.48
C ALA B 12 -4.30 5.75 -14.54
N GLU B 13 -3.84 5.20 -15.67
CA GLU B 13 -4.78 4.75 -16.71
C GLU B 13 -5.68 3.64 -16.29
N TYR B 14 -5.16 2.63 -15.61
CA TYR B 14 -5.96 1.59 -15.02
C TYR B 14 -7.14 2.12 -14.20
N PHE B 15 -6.85 3.10 -13.32
CA PHE B 15 -7.97 3.60 -12.48
C PHE B 15 -9.00 4.40 -13.37
N ARG B 16 -8.53 5.12 -14.37
CA ARG B 16 -9.41 5.86 -15.29
C ARG B 16 -10.34 4.90 -15.96
N LYS B 17 -9.80 3.83 -16.52
CA LYS B 17 -10.59 2.80 -17.19
C LYS B 17 -11.51 2.07 -16.29
N VAL B 18 -11.12 1.86 -15.01
CA VAL B 18 -12.04 1.23 -14.09
C VAL B 18 -13.27 2.14 -13.90
N ASN B 19 -13.04 3.43 -13.69
CA ASN B 19 -14.08 4.40 -13.46
C ASN B 19 -14.97 4.53 -14.69
N GLU B 20 -14.38 4.47 -15.88
CA GLU B 20 -15.18 4.39 -17.16
C GLU B 20 -16.05 3.15 -17.35
N GLY B 21 -15.77 2.06 -16.65
CA GLY B 21 -16.62 0.89 -16.64
C GLY B 21 -16.41 -0.01 -17.87
N ASP B 22 -15.29 0.17 -18.57
CA ASP B 22 -15.00 -0.47 -19.86
C ASP B 22 -14.30 -1.81 -19.67
N VAL B 23 -15.04 -2.89 -19.48
CA VAL B 23 -14.40 -4.14 -19.05
C VAL B 23 -13.35 -4.63 -20.05
N ASP B 24 -13.69 -4.54 -21.34
CA ASP B 24 -12.79 -4.88 -22.43
C ASP B 24 -11.45 -4.24 -22.22
N ALA B 25 -11.44 -2.91 -22.18
CA ALA B 25 -10.23 -2.15 -22.03
C ALA B 25 -9.38 -2.49 -20.76
N ILE B 26 -10.06 -2.72 -19.65
CA ILE B 26 -9.39 -2.99 -18.36
C ILE B 26 -8.65 -4.33 -18.43
N VAL B 27 -9.40 -5.38 -18.79
CA VAL B 27 -8.93 -6.79 -18.78
C VAL B 27 -7.65 -6.96 -19.58
N GLU B 28 -7.60 -6.19 -20.67
CA GLU B 28 -6.50 -6.09 -21.62
C GLU B 28 -5.21 -5.59 -21.02
N MET B 29 -5.32 -4.65 -20.09
CA MET B 29 -4.13 -4.13 -19.41
C MET B 29 -3.41 -5.19 -18.58
N PHE B 30 -4.05 -6.32 -18.41
CA PHE B 30 -3.44 -7.39 -17.71
C PHE B 30 -2.74 -8.31 -18.74
N THR B 31 -1.82 -9.10 -18.23
CA THR B 31 -1.28 -10.24 -18.92
C THR B 31 -2.21 -11.42 -18.71
N GLU B 32 -2.06 -12.39 -19.62
CA GLU B 32 -2.81 -13.62 -19.64
C GLU B 32 -2.98 -14.30 -18.32
N ASN B 33 -1.90 -14.52 -17.61
CA ASN B 33 -2.06 -15.19 -16.31
C ASN B 33 -1.88 -14.38 -15.04
N ALA B 34 -2.16 -13.09 -15.17
CA ALA B 34 -2.20 -12.18 -13.99
C ALA B 34 -3.03 -12.71 -12.81
N THR B 35 -2.50 -12.54 -11.59
CA THR B 35 -3.21 -12.91 -10.43
C THR B 35 -3.78 -11.57 -9.89
N ILE B 36 -5.06 -11.61 -9.57
CA ILE B 36 -5.72 -10.53 -8.82
C ILE B 36 -6.08 -11.16 -7.53
N GLU B 37 -5.47 -10.71 -6.43
CA GLU B 37 -5.82 -11.10 -5.06
C GLU B 37 -6.52 -9.95 -4.29
N ASP B 38 -7.83 -10.06 -4.09
CA ASP B 38 -8.63 -8.99 -3.51
C ASP B 38 -9.82 -9.64 -2.80
N PRO B 39 -9.87 -9.61 -1.46
CA PRO B 39 -8.87 -8.97 -0.63
C PRO B 39 -7.69 -9.88 -0.39
N VAL B 40 -6.52 -9.28 -0.19
CA VAL B 40 -5.36 -10.00 0.23
C VAL B 40 -5.79 -10.99 1.33
N GLY B 41 -5.46 -12.28 1.12
CA GLY B 41 -5.69 -13.27 2.17
C GLY B 41 -6.88 -14.20 1.92
N LYS B 42 -7.76 -13.81 1.03
CA LYS B 42 -8.86 -14.68 0.68
C LYS B 42 -8.57 -14.98 -0.77
N ASP B 43 -7.30 -15.08 -1.11
CA ASP B 43 -6.84 -15.16 -2.52
C ASP B 43 -7.65 -16.13 -3.37
N VAL B 44 -7.26 -16.39 -4.62
CA VAL B 44 -6.31 -15.63 -5.39
C VAL B 44 -6.80 -15.89 -6.82
N ARG B 45 -7.51 -14.96 -7.46
CA ARG B 45 -7.90 -15.15 -8.89
C ARG B 45 -6.71 -15.22 -9.77
N GLU B 46 -6.82 -16.03 -10.82
CA GLU B 46 -5.78 -16.09 -11.83
C GLU B 46 -6.44 -16.30 -13.15
N GLY B 47 -5.88 -15.70 -14.19
CA GLY B 47 -6.36 -16.04 -15.51
C GLY B 47 -7.31 -15.04 -16.09
N ARG B 48 -7.14 -14.84 -17.40
CA ARG B 48 -7.99 -14.03 -18.29
C ARG B 48 -9.51 -14.11 -18.11
N ALA B 49 -9.93 -15.16 -17.40
CA ALA B 49 -11.32 -15.50 -17.25
C ALA B 49 -11.84 -14.72 -16.10
N ALA B 50 -11.35 -15.15 -14.91
CA ALA B 50 -11.69 -14.65 -13.57
C ALA B 50 -11.48 -13.15 -13.34
N GLN B 51 -10.76 -12.54 -14.29
CA GLN B 51 -10.46 -11.13 -14.44
C GLN B 51 -11.66 -10.45 -15.05
N ARG B 52 -12.40 -11.23 -15.85
CA ARG B 52 -13.72 -10.79 -16.31
C ARG B 52 -14.79 -11.07 -15.22
N GLU B 53 -14.76 -12.19 -14.50
CA GLU B 53 -15.67 -12.30 -13.38
C GLU B 53 -15.40 -10.98 -12.58
N TYR B 54 -14.11 -10.72 -12.27
CA TYR B 54 -13.71 -9.56 -11.43
C TYR B 54 -14.22 -8.21 -11.93
N PHE B 55 -13.84 -7.83 -13.14
CA PHE B 55 -14.15 -6.53 -13.64
C PHE B 55 -15.64 -6.28 -13.93
N ASN B 56 -16.32 -7.33 -14.37
CA ASN B 56 -17.77 -7.31 -14.45
C ASN B 56 -18.52 -7.12 -13.16
N SER B 57 -18.09 -7.74 -12.07
CA SER B 57 -18.78 -7.48 -10.81
C SER B 57 -18.48 -6.11 -10.26
N ASN B 58 -17.27 -5.58 -10.51
CA ASN B 58 -16.98 -4.16 -10.14
C ASN B 58 -17.94 -3.24 -10.87
N VAL B 59 -18.09 -3.39 -12.19
CA VAL B 59 -19.08 -2.56 -12.91
C VAL B 59 -20.49 -2.78 -12.34
N THR B 60 -20.85 -4.03 -12.08
CA THR B 60 -22.19 -4.34 -11.53
C THR B 60 -22.40 -3.63 -10.18
N ALA B 61 -21.31 -3.59 -9.37
CA ALA B 61 -21.27 -2.92 -8.05
C ALA B 61 -21.21 -1.40 -8.09
N GLU B 62 -21.21 -0.86 -9.29
CA GLU B 62 -21.06 0.54 -9.61
C GLU B 62 -19.80 1.20 -8.95
N VAL B 63 -18.69 0.48 -9.00
CA VAL B 63 -17.43 0.89 -8.27
C VAL B 63 -16.88 2.16 -8.86
N THR B 64 -16.41 3.08 -7.98
CA THR B 64 -15.67 4.22 -8.47
C THR B 64 -14.41 4.21 -7.58
N ILE B 65 -13.32 4.65 -8.10
CA ILE B 65 -12.07 4.60 -7.33
C ILE B 65 -11.53 5.99 -7.29
N GLU B 66 -11.13 6.46 -6.08
CA GLU B 66 -10.37 7.70 -6.00
C GLU B 66 -9.00 7.35 -5.50
N PRO B 67 -8.04 7.32 -6.38
CA PRO B 67 -6.63 6.96 -5.94
C PRO B 67 -5.94 8.10 -5.28
N GLY B 68 -5.08 7.79 -4.34
CA GLY B 68 -4.11 8.77 -3.84
C GLY B 68 -2.82 8.79 -4.64
N HIS B 69 -1.74 9.07 -3.94
CA HIS B 69 -0.47 9.25 -4.60
C HIS B 69 0.00 7.87 -5.08
N LEU B 70 0.56 7.83 -6.32
CA LEU B 70 1.06 6.56 -6.79
C LEU B 70 2.56 6.47 -6.40
N SER B 71 2.91 5.54 -5.49
CA SER B 71 4.35 5.32 -5.16
C SER B 71 4.91 4.20 -6.03
N ALA B 72 6.17 4.32 -6.39
CA ALA B 72 6.86 3.25 -7.17
C ALA B 72 7.76 2.44 -6.22
N GLY B 73 7.84 1.18 -6.49
CA GLY B 73 8.93 0.30 -6.00
C GLY B 73 10.19 0.57 -6.81
N GLN B 74 11.35 0.16 -6.29
CA GLN B 74 12.65 0.38 -7.06
C GLN B 74 13.09 -1.01 -7.52
N ASP B 75 12.10 -1.77 -7.90
CA ASP B 75 12.29 -3.13 -8.34
C ASP B 75 12.03 -3.33 -9.82
N GLY B 76 11.90 -2.21 -10.57
CA GLY B 76 11.61 -2.19 -11.94
C GLY B 76 10.24 -2.62 -12.33
N LYS B 77 9.34 -2.78 -11.35
CA LYS B 77 7.98 -3.14 -11.72
C LYS B 77 6.79 -2.82 -10.78
N SER B 78 7.02 -2.40 -9.55
CA SER B 78 5.86 -2.25 -8.62
C SER B 78 5.35 -0.80 -8.52
N VAL B 79 4.04 -0.69 -8.25
CA VAL B 79 3.43 0.63 -7.98
C VAL B 79 2.55 0.35 -6.77
N ALA B 80 2.49 1.26 -5.77
CA ALA B 80 1.61 0.93 -4.67
C ALA B 80 0.85 2.24 -4.37
N VAL B 81 -0.44 2.11 -4.01
CA VAL B 81 -1.29 3.33 -3.88
C VAL B 81 -2.41 3.11 -2.96
N ALA B 82 -2.66 4.04 -2.05
CA ALA B 82 -3.88 3.96 -1.21
C ALA B 82 -5.02 4.62 -1.96
N LEU B 83 -6.18 4.02 -1.80
CA LEU B 83 -7.33 4.56 -2.55
C LEU B 83 -8.58 4.50 -1.76
N ALA B 84 -9.68 5.14 -2.27
CA ALA B 84 -10.99 4.96 -1.65
C ALA B 84 -11.86 4.44 -2.79
N ALA B 85 -12.46 3.30 -2.53
CA ALA B 85 -13.36 2.65 -3.51
C ALA B 85 -14.73 2.78 -2.99
N GLU B 86 -15.61 3.31 -3.84
CA GLU B 86 -17.04 3.38 -3.37
C GLU B 86 -17.85 2.42 -4.30
N MET B 87 -18.91 1.88 -3.70
CA MET B 87 -19.80 0.95 -4.45
C MET B 87 -21.17 0.96 -3.86
N THR B 88 -22.06 0.26 -4.58
CA THR B 88 -23.41 0.11 -4.08
C THR B 88 -23.50 -0.54 -2.74
N ASN B 89 -24.36 0.02 -1.89
CA ASN B 89 -24.69 -0.59 -0.61
C ASN B 89 -25.93 -1.44 -0.82
N ILE B 90 -25.80 -2.76 -0.75
CA ILE B 90 -26.93 -3.68 -0.97
C ILE B 90 -27.94 -3.63 0.19
N LEU B 91 -27.41 -3.48 1.42
CA LEU B 91 -28.24 -3.20 2.59
C LEU B 91 -29.13 -1.94 2.45
N ASP B 92 -28.76 -0.95 1.61
CA ASP B 92 -29.54 0.33 1.45
C ASP B 92 -29.27 1.05 0.13
N PRO B 93 -29.45 0.32 -0.96
CA PRO B 93 -29.04 0.63 -2.34
C PRO B 93 -29.18 2.07 -2.73
N ASN B 94 -30.30 2.69 -2.37
CA ASN B 94 -30.68 3.94 -2.97
C ASN B 94 -30.23 5.17 -2.17
N ARG B 95 -29.94 4.94 -0.91
CA ARG B 95 -29.68 6.02 0.05
C ARG B 95 -28.19 6.18 0.42
N THR B 96 -27.41 5.12 0.28
CA THR B 96 -26.02 5.13 0.76
C THR B 96 -25.05 4.29 -0.15
N ARG B 97 -23.75 4.52 -0.01
CA ARG B 97 -22.74 3.83 -0.79
C ARG B 97 -21.84 3.27 0.26
N VAL B 98 -21.20 2.17 -0.05
CA VAL B 98 -20.25 1.61 0.87
C VAL B 98 -18.88 2.14 0.35
N LYS B 99 -17.96 2.49 1.29
CA LYS B 99 -16.66 3.05 0.91
C LYS B 99 -15.63 2.11 1.52
N ILE B 100 -14.65 1.65 0.75
CA ILE B 100 -13.62 0.84 1.36
C ILE B 100 -12.26 1.58 1.18
N ASN B 101 -11.52 1.74 2.28
CA ASN B 101 -10.17 2.34 2.14
C ASN B 101 -9.17 1.20 2.03
N ALA B 102 -8.57 1.11 0.87
CA ALA B 102 -7.74 -0.03 0.49
C ALA B 102 -6.37 0.45 0.06
N VAL B 103 -5.37 -0.46 0.16
CA VAL B 103 -4.13 -0.27 -0.63
C VAL B 103 -3.92 -1.22 -1.81
N ASP B 104 -3.67 -0.70 -2.99
CA ASP B 104 -3.38 -1.60 -4.15
C ASP B 104 -1.89 -1.70 -4.27
N VAL B 105 -1.37 -2.93 -4.53
CA VAL B 105 0.01 -3.07 -5.03
C VAL B 105 -0.01 -3.80 -6.42
N PHE B 106 0.52 -3.14 -7.43
CA PHE B 106 0.57 -3.68 -8.80
C PHE B 106 1.98 -4.15 -9.07
N THR B 107 2.18 -5.24 -9.85
CA THR B 107 3.52 -5.36 -10.44
C THR B 107 3.25 -5.38 -11.91
N LEU B 108 4.12 -4.71 -12.65
CA LEU B 108 3.97 -4.53 -14.10
C LEU B 108 5.13 -5.19 -14.81
N THR B 109 4.92 -5.40 -16.10
CA THR B 109 5.80 -6.08 -17.01
C THR B 109 6.73 -5.11 -17.71
N PRO B 110 7.85 -5.61 -18.33
CA PRO B 110 8.60 -4.55 -19.01
C PRO B 110 7.85 -3.89 -20.18
N GLU B 111 6.83 -4.54 -20.75
CA GLU B 111 6.05 -3.92 -21.82
C GLU B 111 5.03 -2.90 -21.30
N GLY B 112 4.72 -2.95 -20.02
CA GLY B 112 3.60 -2.15 -19.59
C GLY B 112 2.36 -2.89 -19.14
N LYS B 113 2.41 -4.20 -18.96
CA LYS B 113 1.24 -4.91 -18.52
C LYS B 113 1.22 -5.33 -17.06
N ILE B 114 0.03 -5.30 -16.48
CA ILE B 114 -0.16 -5.77 -15.11
C ILE B 114 -0.11 -7.32 -14.93
N ASP B 115 0.86 -7.80 -14.15
CA ASP B 115 1.01 -9.22 -13.79
C ASP B 115 0.33 -9.63 -12.53
N SER B 116 0.28 -8.73 -11.55
CA SER B 116 -0.35 -9.08 -10.31
C SER B 116 -0.90 -7.78 -9.71
N MET B 117 -1.91 -8.02 -8.91
CA MET B 117 -2.56 -6.99 -8.07
C MET B 117 -3.02 -7.61 -6.77
N ARG B 118 -2.64 -6.98 -5.65
CA ARG B 118 -3.06 -7.38 -4.33
C ARG B 118 -3.68 -6.16 -3.74
N VAL B 119 -4.87 -6.35 -3.24
CA VAL B 119 -5.69 -5.23 -2.78
C VAL B 119 -5.82 -5.51 -1.28
N PHE B 120 -5.26 -4.65 -0.42
CA PHE B 120 -5.39 -4.81 0.96
C PHE B 120 -6.58 -4.05 1.48
N TRP B 121 -7.54 -4.73 2.06
CA TRP B 121 -8.65 -4.07 2.81
C TRP B 121 -9.31 -5.15 3.72
N GLY B 122 -9.83 -4.70 4.84
CA GLY B 122 -10.34 -5.58 5.90
C GLY B 122 -11.75 -5.19 6.26
N MET B 123 -12.30 -5.93 7.23
CA MET B 123 -13.66 -5.60 7.70
C MET B 123 -13.65 -4.24 8.39
N THR B 124 -12.50 -3.86 8.95
CA THR B 124 -12.40 -2.56 9.67
C THR B 124 -12.09 -1.39 8.71
N ASP B 125 -12.11 -1.67 7.42
CA ASP B 125 -11.80 -0.64 6.38
C ASP B 125 -13.05 -0.26 5.61
N ILE B 126 -14.21 -0.65 6.15
CA ILE B 126 -15.45 -0.38 5.45
C ILE B 126 -16.31 0.67 6.19
N GLY B 127 -16.77 1.67 5.45
CA GLY B 127 -17.62 2.80 5.98
C GLY B 127 -18.90 2.82 5.16
N VAL B 128 -19.96 3.38 5.72
CA VAL B 128 -21.13 3.68 4.92
C VAL B 128 -21.32 5.17 4.84
N TRP B 129 -21.59 5.68 3.63
CA TRP B 129 -21.68 7.05 3.36
C TRP B 129 -23.03 7.47 2.78
N ASN B 130 -23.50 8.68 3.11
CA ASN B 130 -24.77 9.18 2.44
C ASN B 130 -24.54 9.39 0.97
N SER B 131 -25.52 9.01 0.16
CA SER B 131 -25.39 8.86 -1.28
C SER B 131 -26.19 9.90 -2.06
N SER B 132 -27.33 10.28 -1.50
CA SER B 132 -28.17 11.27 -2.13
C SER B 132 -28.54 12.35 -1.13
N SER B 133 -28.90 13.50 -1.69
CA SER B 133 -29.58 14.57 -0.98
C SER B 133 -30.96 14.61 -1.67
N VAL B 134 -31.77 13.57 -1.39
CA VAL B 134 -32.99 13.25 -2.16
C VAL B 134 -33.96 14.43 -2.34
O4 P6G C . 1.94 6.84 -1.44
C5 P6G C . 1.74 7.35 -0.12
C6 P6G C . 1.97 8.83 0.15
O7 P6G C . 0.78 9.58 -0.36
C8 P6G C . 0.09 10.55 0.45
C9 P6G C . -0.22 9.89 1.79
O10 P6G C . 0.25 10.72 2.85
C11 P6G C . -0.61 10.56 4.01
C12 P6G C . -0.55 11.84 4.84
O13 P6G C . -1.88 12.17 5.21
O4 P6G D . 8.95 3.20 8.15
C5 P6G D . 10.40 3.48 8.05
C6 P6G D . 10.79 4.86 7.41
O7 P6G D . 9.68 5.53 6.68
C8 P6G D . 9.25 5.03 5.37
C9 P6G D . 9.69 5.99 4.22
O10 P6G D . 11.04 5.67 3.88
C11 P6G D . 11.68 6.65 3.07
C12 P6G D . 13.17 6.72 3.40
O13 P6G D . 13.31 7.41 4.68
C14 P6G D . 14.66 7.79 5.05
C15 P6G D . 15.39 6.74 5.92
O16 P6G D . 16.46 6.07 5.20
C17 P6G D . 16.16 4.67 5.04
C18 P6G D . 17.40 3.96 4.53
O19 P6G D . 18.52 4.20 5.42
O4 P6G E . 24.49 14.32 -0.96
C5 P6G E . 24.64 15.48 -0.12
C6 P6G E . 23.71 16.62 -0.58
O7 P6G E . 22.30 16.35 -0.32
C8 P6G E . 21.38 17.30 -0.90
C9 P6G E . 19.90 16.98 -0.49
O10 P6G E . 19.51 15.63 -0.88
C11 P6G E . 18.13 15.30 -0.61
C12 P6G E . 17.81 13.81 -0.88
O13 P6G E . 18.42 12.96 0.13
O1 P6G F . -12.27 -2.49 -7.12
C2 P6G F . -11.34 -2.61 -8.21
C3 P6G F . -9.96 -3.21 -7.79
O4 P6G F . -8.90 -2.30 -8.21
C5 P6G F . -8.66 -1.20 -7.25
C6 P6G F . -8.93 -1.66 -5.75
O7 P6G F . -10.27 -1.36 -5.22
C8 P6G F . -10.66 -1.80 -3.87
C9 P6G F . -11.41 -3.13 -3.87
O10 P6G F . -12.83 -2.98 -3.61
C11 P6G F . -13.21 -3.86 -2.56
C12 P6G F . -14.47 -4.61 -2.98
O13 P6G F . -14.93 -3.93 -4.17
C14 P6G F . -16.01 -4.65 -4.76
C15 P6G F . -15.41 -5.69 -5.72
O16 P6G F . -16.44 -6.24 -6.54
C17 P6G F . -15.79 -7.08 -7.50
C18 P6G F . -15.87 -8.53 -7.02
O19 P6G F . -14.83 -8.69 -6.07
O4 P6G G . -8.72 9.83 -2.42
C5 P6G G . -8.23 8.76 -1.63
C6 P6G G . -6.72 8.74 -1.69
O7 P6G G . -6.11 7.89 -0.67
C8 P6G G . -7.21 7.41 0.21
C9 P6G G . -6.67 6.82 1.54
O10 P6G G . -7.62 5.69 1.96
C11 P6G G . -7.21 4.37 1.67
C12 P6G G . -6.50 3.78 2.93
O13 P6G G . -5.48 2.85 2.67
#